data_9FS3
#
_entry.id   9FS3
#
_cell.length_a   82.099
_cell.length_b   158.499
_cell.length_c   61.842
_cell.angle_alpha   90.000
_cell.angle_beta   90.000
_cell.angle_gamma   90.000
#
_symmetry.space_group_name_H-M   'C 2 2 21'
#
loop_
_entity.id
_entity.type
_entity.pdbx_description
1 polymer 'Multifunctional protein CAD'
2 non-polymer 'FORMIC ACID'
3 non-polymer 'ZINC ION'
4 non-polymer GLYCEROL
5 non-polymer 'SODIUM ION'
6 water water
#
_entity_poly.entity_id   1
_entity_poly.type   'polypeptide(L)'
_entity_poly.pdbx_seq_one_letter_code
;KLVRLPGLIDVHVHLREPGGTHKEDFASGTAAALAGGITMVCAMPNTRPPIIDAPALALAQKLAEAGARCDFALFLGAAS
ENAGTLGTVAGSAAGL(KCX)LYLNETFSELRLDSVVQWMEHFETWPSHLPIVAHAEQQTVAAVLMVAQLTQRSVHICHV
ARKEEILLIKAAKARGLPVTCEVAPHHLFLSHDDLERLGPGKGEVRPELGSRQDVEALWENMAVIDCFASDHAPHTLEEK
CGSRPPPGFPGLETMLPLLLTAVSEGRLSLDDLLQRLHHNPRRIFHLPPQEDTYVEVDLEHEWTIPSHMPFSKAHWTPFE
GQKVKGTVRRVVLRGEVAYIDGQVLVPPGYGQDVRKWPQGAVPQLP
;
_entity_poly.pdbx_strand_id   A
#
loop_
_chem_comp.id
_chem_comp.type
_chem_comp.name
_chem_comp.formula
FMT non-polymer 'FORMIC ACID' 'C H2 O2'
GOL non-polymer GLYCEROL 'C3 H8 O3'
NA non-polymer 'SODIUM ION' 'Na 1'
ZN non-polymer 'ZINC ION' 'Zn 2'
#
# COMPACT_ATOMS: atom_id res chain seq x y z
N LYS A 1 -16.69 -2.52 -25.07
CA LYS A 1 -16.96 -3.59 -24.11
C LYS A 1 -16.17 -3.37 -22.81
N LEU A 2 -16.80 -2.77 -21.81
CA LEU A 2 -16.12 -2.46 -20.56
C LEU A 2 -16.32 -3.62 -19.58
N VAL A 3 -15.32 -3.82 -18.73
CA VAL A 3 -15.41 -4.81 -17.66
C VAL A 3 -15.66 -4.08 -16.36
N ARG A 4 -16.65 -4.55 -15.62
CA ARG A 4 -16.96 -4.00 -14.31
C ARG A 4 -16.19 -4.75 -13.24
N LEU A 5 -15.37 -4.03 -12.52
CA LEU A 5 -14.66 -4.51 -11.37
C LEU A 5 -15.25 -3.92 -10.11
N PRO A 6 -15.06 -4.57 -8.97
CA PRO A 6 -15.45 -3.98 -7.68
C PRO A 6 -14.52 -2.82 -7.31
N GLY A 7 -14.88 -2.12 -6.24
CA GLY A 7 -14.03 -1.05 -5.75
C GLY A 7 -12.73 -1.61 -5.21
N LEU A 8 -11.61 -1.24 -5.82
CA LEU A 8 -10.34 -1.81 -5.43
C LEU A 8 -9.76 -1.07 -4.24
N ILE A 9 -8.93 -1.78 -3.47
CA ILE A 9 -8.41 -1.33 -2.19
C ILE A 9 -6.89 -1.37 -2.23
N ASP A 10 -6.25 -0.25 -1.92
CA ASP A 10 -4.80 -0.19 -1.80
C ASP A 10 -4.44 -0.01 -0.32
N VAL A 11 -3.89 -1.08 0.28
CA VAL A 11 -3.59 -1.04 1.70
C VAL A 11 -2.23 -0.42 2.04
N HIS A 12 -1.59 0.26 1.09
CA HIS A 12 -0.29 0.85 1.40
C HIS A 12 -0.02 2.11 0.57
N VAL A 13 -0.45 3.26 1.08
CA VAL A 13 -0.19 4.52 0.40
C VAL A 13 0.37 5.53 1.38
N HIS A 14 1.19 6.44 0.87
CA HIS A 14 1.71 7.60 1.62
C HIS A 14 1.10 8.85 0.98
N LEU A 15 0.21 9.51 1.71
CA LEU A 15 -0.49 10.67 1.17
C LEU A 15 0.07 12.00 1.65
N ARG A 16 1.08 11.99 2.51
CA ARG A 16 1.98 13.13 2.81
C ARG A 16 1.32 14.27 3.58
N GLU A 17 0.07 14.17 3.95
CA GLU A 17 -0.62 15.17 4.72
C GLU A 17 -0.96 14.56 6.06
N PRO A 18 -0.57 15.17 7.17
CA PRO A 18 0.08 16.48 7.29
C PRO A 18 1.58 16.54 7.00
N GLY A 19 2.05 17.72 6.57
CA GLY A 19 3.44 18.06 6.70
C GLY A 19 4.29 17.93 5.46
N GLY A 20 3.80 17.29 4.42
CA GLY A 20 4.55 17.13 3.20
C GLY A 20 3.73 17.40 1.98
N THR A 21 2.87 18.42 2.06
CA THR A 21 1.78 18.56 1.10
C THR A 21 2.25 19.06 -0.27
N HIS A 22 3.50 19.49 -0.43
CA HIS A 22 4.02 19.74 -1.77
C HIS A 22 4.29 18.45 -2.52
N LYS A 23 4.41 17.32 -1.82
CA LYS A 23 4.60 16.03 -2.46
C LYS A 23 3.30 15.37 -2.89
N GLU A 24 2.24 15.62 -2.12
CA GLU A 24 0.93 15.01 -2.26
C GLU A 24 0.11 15.53 -1.10
N ASP A 25 -1.21 15.58 -1.24
CA ASP A 25 -2.09 15.77 -0.08
C ASP A 25 -3.23 14.78 -0.21
N PHE A 26 -4.13 14.78 0.76
CA PHE A 26 -5.24 13.84 0.67
C PHE A 26 -6.04 14.05 -0.62
N ALA A 27 -6.29 15.31 -0.98
CA ALA A 27 -7.06 15.58 -2.18
C ALA A 27 -6.37 15.09 -3.44
N SER A 28 -5.06 15.31 -3.57
CA SER A 28 -4.41 14.92 -4.83
C SER A 28 -4.14 13.42 -4.86
N GLY A 29 -3.76 12.87 -3.70
CA GLY A 29 -3.44 11.46 -3.64
C GLY A 29 -4.68 10.60 -3.84
N THR A 30 -5.84 11.04 -3.35
CA THR A 30 -7.06 10.28 -3.57
C THR A 30 -7.63 10.53 -4.97
N ALA A 31 -7.36 11.68 -5.59
CA ALA A 31 -7.64 11.80 -7.02
C ALA A 31 -6.82 10.77 -7.81
N ALA A 32 -5.55 10.63 -7.48
CA ALA A 32 -4.71 9.64 -8.13
C ALA A 32 -5.25 8.24 -7.91
N ALA A 33 -5.71 7.94 -6.69
CA ALA A 33 -6.31 6.63 -6.41
C ALA A 33 -7.49 6.38 -7.33
N LEU A 34 -8.44 7.32 -7.38
CA LEU A 34 -9.64 7.10 -8.19
C LEU A 34 -9.27 6.89 -9.65
N ALA A 35 -8.31 7.67 -10.15
CA ALA A 35 -7.89 7.54 -11.53
C ALA A 35 -7.24 6.20 -11.81
N GLY A 36 -6.71 5.57 -10.77
CA GLY A 36 -6.17 4.24 -10.81
C GLY A 36 -7.16 3.14 -10.49
N GLY A 37 -8.43 3.47 -10.36
CA GLY A 37 -9.43 2.47 -10.08
C GLY A 37 -9.50 2.01 -8.64
N ILE A 38 -8.93 2.80 -7.74
CA ILE A 38 -8.86 2.50 -6.32
C ILE A 38 -9.86 3.37 -5.59
N THR A 39 -10.77 2.74 -4.84
CA THR A 39 -11.82 3.45 -4.14
C THR A 39 -11.63 3.51 -2.64
N MET A 40 -10.64 2.82 -2.11
CA MET A 40 -10.31 2.82 -0.70
C MET A 40 -8.82 2.70 -0.52
N VAL A 41 -8.26 3.53 0.34
CA VAL A 41 -6.82 3.51 0.60
C VAL A 41 -6.55 3.46 2.09
N CYS A 42 -5.44 2.82 2.46
CA CYS A 42 -4.96 2.81 3.84
C CYS A 42 -3.66 3.61 3.89
N ALA A 43 -3.67 4.70 4.61
CA ALA A 43 -2.60 5.70 4.58
C ALA A 43 -1.60 5.50 5.70
N MET A 44 -0.32 5.48 5.32
CA MET A 44 0.72 5.25 6.29
C MET A 44 1.01 6.43 7.22
N PRO A 45 1.63 6.16 8.37
CA PRO A 45 1.70 7.16 9.46
C PRO A 45 2.97 7.99 9.50
N ASN A 46 3.84 7.90 8.51
CA ASN A 46 5.12 8.60 8.53
C ASN A 46 5.01 10.01 7.98
N THR A 47 4.00 10.72 8.45
CA THR A 47 3.75 12.11 8.09
C THR A 47 4.49 13.04 9.07
N ARG A 48 4.25 14.35 8.97
CA ARG A 48 4.84 15.34 9.88
C ARG A 48 3.74 16.24 10.41
N PRO A 49 3.29 16.06 11.66
CA PRO A 49 3.75 15.08 12.66
C PRO A 49 3.40 13.65 12.27
N PRO A 50 4.18 12.68 12.73
CA PRO A 50 3.85 11.28 12.48
C PRO A 50 2.66 10.84 13.32
N ILE A 51 1.93 9.85 12.82
CA ILE A 51 0.66 9.44 13.44
C ILE A 51 1.01 8.36 14.46
N ILE A 52 1.53 8.80 15.61
CA ILE A 52 2.07 7.92 16.63
C ILE A 52 1.42 8.14 17.98
N ASP A 53 0.39 8.98 18.06
N ASP A 53 0.36 8.94 18.03
CA ASP A 53 -0.35 9.16 19.30
CA ASP A 53 -0.31 9.27 19.28
C ASP A 53 -1.74 9.68 18.95
C ASP A 53 -1.73 9.73 18.95
N ALA A 54 -2.56 9.80 19.98
CA ALA A 54 -3.96 10.14 19.76
C ALA A 54 -4.13 11.55 19.20
N PRO A 55 -3.42 12.57 19.70
CA PRO A 55 -3.59 13.89 19.09
C PRO A 55 -3.24 13.93 17.61
N ALA A 56 -2.17 13.26 17.20
CA ALA A 56 -1.82 13.26 15.78
C ALA A 56 -2.84 12.51 14.95
N LEU A 57 -3.37 11.40 15.47
CA LEU A 57 -4.42 10.70 14.75
C LEU A 57 -5.67 11.56 14.60
N ALA A 58 -6.02 12.31 15.64
CA ALA A 58 -7.19 13.17 15.58
C ALA A 58 -7.02 14.24 14.51
N LEU A 59 -5.84 14.85 14.44
CA LEU A 59 -5.56 15.79 13.37
C LEU A 59 -5.66 15.13 12.00
N ALA A 60 -4.97 14.00 11.82
CA ALA A 60 -4.98 13.35 10.52
C ALA A 60 -6.39 12.95 10.09
N GLN A 61 -7.23 12.50 11.04
CA GLN A 61 -8.60 12.15 10.71
C GLN A 61 -9.36 13.33 10.12
N LYS A 62 -9.21 14.51 10.73
CA LYS A 62 -9.94 15.66 10.21
C LYS A 62 -9.38 16.11 8.87
N LEU A 63 -8.05 16.07 8.70
CA LEU A 63 -7.49 16.43 7.39
C LEU A 63 -7.98 15.47 6.32
N ALA A 64 -8.01 14.18 6.64
CA ALA A 64 -8.49 13.21 5.66
C ALA A 64 -9.98 13.37 5.38
N GLU A 65 -10.79 13.58 6.41
CA GLU A 65 -12.22 13.74 6.17
C GLU A 65 -12.53 14.94 5.30
N ALA A 66 -11.70 15.98 5.38
CA ALA A 66 -11.90 17.21 4.62
C ALA A 66 -11.27 17.15 3.24
N GLY A 67 -10.23 16.34 3.06
CA GLY A 67 -9.51 16.32 1.81
C GLY A 67 -9.70 15.10 0.93
N ALA A 68 -10.00 13.94 1.53
CA ALA A 68 -10.05 12.72 0.73
C ALA A 68 -11.25 12.74 -0.21
N ARG A 69 -11.05 12.18 -1.41
CA ARG A 69 -12.10 12.02 -2.39
C ARG A 69 -12.57 10.58 -2.48
N CYS A 70 -11.77 9.63 -2.03
CA CYS A 70 -12.19 8.26 -1.88
C CYS A 70 -12.15 7.89 -0.40
N ASP A 71 -12.63 6.69 -0.07
CA ASP A 71 -12.69 6.30 1.34
C ASP A 71 -11.31 5.82 1.80
N PHE A 72 -11.14 5.80 3.11
CA PHE A 72 -9.80 5.56 3.67
C PHE A 72 -9.87 4.98 5.07
N ALA A 73 -8.72 4.45 5.49
CA ALA A 73 -8.43 4.17 6.87
C ALA A 73 -7.00 4.64 7.11
N LEU A 74 -6.73 5.06 8.33
CA LEU A 74 -5.42 5.61 8.69
C LEU A 74 -4.66 4.67 9.61
N PHE A 75 -3.43 4.32 9.22
CA PHE A 75 -2.59 3.52 10.12
C PHE A 75 -2.09 4.38 11.28
N LEU A 76 -1.87 3.72 12.42
CA LEU A 76 -1.02 4.24 13.49
C LEU A 76 0.38 3.69 13.28
N GLY A 77 1.38 4.43 13.74
CA GLY A 77 2.76 3.98 13.69
C GLY A 77 3.33 3.63 15.05
N ALA A 78 4.12 2.57 15.09
CA ALA A 78 4.80 2.18 16.31
C ALA A 78 6.05 3.04 16.51
N ALA A 79 6.25 3.49 17.74
CA ALA A 79 7.41 4.30 18.10
C ALA A 79 8.13 3.65 19.26
N SER A 80 9.29 4.21 19.61
CA SER A 80 10.02 3.77 20.78
C SER A 80 9.36 4.17 22.09
N GLU A 81 8.28 4.95 22.06
CA GLU A 81 7.68 5.44 23.28
CA GLU A 81 7.66 5.46 23.26
C GLU A 81 6.21 5.09 23.44
N ASN A 82 5.54 4.57 22.39
CA ASN A 82 4.10 4.49 22.46
C ASN A 82 3.53 3.10 22.69
N ALA A 83 4.33 2.05 22.86
CA ALA A 83 3.75 0.75 23.15
C ALA A 83 2.98 0.84 24.46
N GLY A 84 1.76 0.30 24.46
CA GLY A 84 0.92 0.31 25.63
C GLY A 84 0.13 1.58 25.84
N THR A 85 0.20 2.54 24.92
CA THR A 85 -0.51 3.79 25.05
C THR A 85 -1.61 3.98 24.02
N LEU A 86 -1.73 3.07 23.05
CA LEU A 86 -2.61 3.25 21.91
C LEU A 86 -3.94 2.51 22.05
N GLY A 87 -4.20 1.90 23.21
CA GLY A 87 -5.35 1.01 23.31
C GLY A 87 -6.70 1.69 23.08
N THR A 88 -6.84 2.94 23.49
CA THR A 88 -8.12 3.61 23.34
C THR A 88 -8.42 3.96 21.89
N VAL A 89 -7.40 4.21 21.07
CA VAL A 89 -7.59 4.61 19.69
C VAL A 89 -7.27 3.51 18.70
N ALA A 90 -6.72 2.37 19.15
CA ALA A 90 -6.25 1.35 18.22
C ALA A 90 -7.33 0.90 17.24
N GLY A 91 -8.57 0.68 17.72
CA GLY A 91 -9.59 0.17 16.83
C GLY A 91 -10.08 1.15 15.78
N SER A 92 -9.72 2.42 15.93
CA SER A 92 -10.09 3.42 14.95
CA SER A 92 -10.07 3.44 14.96
C SER A 92 -9.11 3.51 13.78
N ALA A 93 -8.00 2.80 13.87
CA ALA A 93 -6.95 2.82 12.86
C ALA A 93 -7.08 1.65 11.90
N ALA A 94 -6.49 1.80 10.72
CA ALA A 94 -6.34 0.68 9.80
C ALA A 94 -5.65 -0.50 10.49
N GLY A 95 -4.64 -0.19 11.29
CA GLY A 95 -3.78 -1.17 11.92
C GLY A 95 -2.58 -0.43 12.48
N LEU A 96 -1.61 -1.20 12.96
CA LEU A 96 -0.34 -0.66 13.45
C LEU A 96 0.75 -0.99 12.44
N KCX A 97 1.51 0.04 12.06
CA KCX A 97 2.66 -0.07 11.18
CB KCX A 97 2.67 1.08 10.15
CG KCX A 97 3.94 1.17 9.30
CD KCX A 97 4.03 0.01 8.31
CE KCX A 97 5.17 0.07 7.34
NZ KCX A 97 5.05 1.24 6.48
C KCX A 97 3.97 -0.06 11.95
O KCX A 97 4.24 0.86 12.71
CX KCX A 97 5.73 1.39 5.36
OQ1 KCX A 97 6.49 0.47 4.99
OQ2 KCX A 97 5.60 2.47 4.72
H KCX A 97 1.36 0.85 12.31
HA KCX A 97 2.60 -0.81 10.76
HB2 KCX A 97 2.59 1.81 10.58
HB3 KCX A 97 2.02 0.97 9.63
HG2 KCX A 97 4.62 1.13 9.81
HG3 KCX A 97 3.94 1.90 8.87
HD2 KCX A 97 3.31 -0.01 7.86
HD3 KCX A 97 4.11 -0.72 8.75
HE2 KCX A 97 5.17 -0.62 6.84
HE3 KCX A 97 5.91 0.12 7.76
HZ KCX A 97 4.53 1.85 6.72
N LEU A 98 4.76 -1.12 11.76
N LEU A 98 4.77 -1.10 11.72
CA LEU A 98 6.11 -1.19 12.34
CA LEU A 98 6.12 -1.16 12.26
C LEU A 98 7.06 -0.92 11.19
C LEU A 98 7.11 -0.90 11.11
N TYR A 99 7.94 0.06 11.34
N TYR A 99 7.99 0.09 11.29
CA TYR A 99 9.00 0.29 10.36
CA TYR A 99 9.07 0.40 10.37
C TYR A 99 10.27 -0.28 10.96
C TYR A 99 10.30 -0.26 10.97
N LEU A 100 10.72 -1.41 10.44
CA LEU A 100 11.76 -2.19 11.10
C LEU A 100 13.12 -2.05 10.44
N ASN A 101 13.22 -1.37 9.31
CA ASN A 101 14.49 -1.05 8.70
C ASN A 101 14.71 0.46 8.87
N GLU A 102 15.20 1.19 7.85
CA GLU A 102 15.53 2.63 7.95
C GLU A 102 14.82 3.56 8.92
N THR A 103 13.86 4.37 8.44
CA THR A 103 12.93 5.16 9.26
C THR A 103 13.41 6.54 9.71
N PHE A 104 12.45 7.42 10.01
CA PHE A 104 12.72 8.67 10.72
C PHE A 104 12.81 8.46 12.23
N SER A 105 13.50 9.38 12.89
CA SER A 105 13.77 9.22 14.32
C SER A 105 12.54 8.79 15.12
N GLU A 106 11.35 9.24 14.71
CA GLU A 106 10.16 8.98 15.52
C GLU A 106 9.57 7.58 15.33
N LEU A 107 9.72 6.96 14.15
CA LEU A 107 9.25 5.60 13.91
C LEU A 107 10.37 4.56 14.03
N ARG A 108 11.57 5.00 14.35
CA ARG A 108 12.71 4.09 14.44
C ARG A 108 12.60 3.29 15.72
N LEU A 109 12.78 1.98 15.60
CA LEU A 109 12.87 1.08 16.74
C LEU A 109 14.31 0.56 16.76
N ASP A 110 14.93 0.59 17.92
CA ASP A 110 16.33 0.22 18.03
C ASP A 110 16.56 -1.17 18.58
N SER A 111 15.49 -1.87 18.97
CA SER A 111 15.65 -3.18 19.57
C SER A 111 14.47 -4.07 19.26
N VAL A 112 14.75 -5.36 19.02
CA VAL A 112 13.68 -6.33 18.83
CA VAL A 112 13.68 -6.33 18.82
C VAL A 112 12.77 -6.39 20.04
N VAL A 113 13.28 -6.04 21.23
CA VAL A 113 12.42 -6.03 22.42
C VAL A 113 11.29 -5.02 22.26
N GLN A 114 11.56 -3.90 21.59
CA GLN A 114 10.51 -2.93 21.32
C GLN A 114 9.48 -3.51 20.37
N TRP A 115 9.90 -4.33 19.41
CA TRP A 115 8.94 -4.99 18.56
C TRP A 115 8.06 -5.91 19.40
N MET A 116 8.67 -6.69 20.28
CA MET A 116 7.89 -7.59 21.13
CA MET A 116 7.90 -7.59 21.15
C MET A 116 6.88 -6.80 21.96
N GLU A 117 7.30 -5.67 22.52
CA GLU A 117 6.39 -4.88 23.34
C GLU A 117 5.18 -4.42 22.55
N HIS A 118 5.38 -4.00 21.30
CA HIS A 118 4.25 -3.67 20.44
C HIS A 118 3.34 -4.87 20.19
N PHE A 119 3.91 -6.02 19.84
CA PHE A 119 3.10 -7.20 19.59
C PHE A 119 2.34 -7.64 20.84
N GLU A 120 2.90 -7.39 22.03
CA GLU A 120 2.28 -7.77 23.30
C GLU A 120 1.17 -6.81 23.71
N THR A 121 1.27 -5.53 23.35
CA THR A 121 0.34 -4.51 23.83
C THR A 121 -0.73 -4.10 22.82
N TRP A 122 -0.42 -4.08 21.53
CA TRP A 122 -1.43 -3.77 20.53
C TRP A 122 -2.54 -4.82 20.62
N PRO A 123 -3.81 -4.44 20.49
CA PRO A 123 -4.88 -5.44 20.65
C PRO A 123 -4.69 -6.58 19.65
N SER A 124 -4.86 -7.81 20.14
CA SER A 124 -4.45 -8.96 19.36
C SER A 124 -5.33 -9.20 18.14
N HIS A 125 -6.54 -8.64 18.09
CA HIS A 125 -7.43 -8.81 16.96
C HIS A 125 -7.19 -7.79 15.86
N LEU A 126 -6.31 -6.81 16.07
CA LEU A 126 -6.15 -5.73 15.11
C LEU A 126 -4.91 -5.94 14.26
N PRO A 127 -4.92 -5.45 13.02
CA PRO A 127 -3.80 -5.74 12.12
C PRO A 127 -2.49 -5.11 12.56
N ILE A 128 -1.41 -5.83 12.26
CA ILE A 128 -0.05 -5.32 12.34
CA ILE A 128 -0.04 -5.32 12.34
C ILE A 128 0.62 -5.58 11.00
N VAL A 129 1.20 -4.54 10.42
CA VAL A 129 1.95 -4.68 9.18
C VAL A 129 3.36 -4.17 9.42
N ALA A 130 4.31 -4.71 8.65
CA ALA A 130 5.70 -4.33 8.87
C ALA A 130 6.45 -4.08 7.57
N HIS A 131 7.25 -3.00 7.58
CA HIS A 131 8.33 -2.82 6.63
C HIS A 131 9.49 -3.63 7.15
N ALA A 132 9.75 -4.78 6.51
CA ALA A 132 10.66 -5.80 7.03
C ALA A 132 11.34 -6.49 5.86
N GLU A 133 12.58 -6.11 5.61
CA GLU A 133 13.29 -6.60 4.45
C GLU A 133 14.30 -7.68 4.83
N GLN A 134 14.48 -8.65 3.93
CA GLN A 134 15.52 -9.68 4.04
C GLN A 134 15.40 -10.37 5.39
N GLN A 135 16.47 -10.47 6.18
CA GLN A 135 16.36 -11.23 7.42
C GLN A 135 15.35 -10.63 8.37
N THR A 136 14.98 -9.35 8.20
CA THR A 136 13.99 -8.75 9.08
C THR A 136 12.63 -9.44 8.94
N VAL A 137 12.34 -10.02 7.79
CA VAL A 137 11.09 -10.76 7.66
CA VAL A 137 11.11 -10.81 7.63
C VAL A 137 11.10 -11.97 8.60
N ALA A 138 12.20 -12.72 8.64
CA ALA A 138 12.31 -13.85 9.56
C ALA A 138 12.27 -13.38 11.00
N ALA A 139 12.94 -12.26 11.30
CA ALA A 139 12.97 -11.75 12.67
C ALA A 139 11.56 -11.37 13.15
N VAL A 140 10.81 -10.64 12.31
CA VAL A 140 9.49 -10.23 12.76
C VAL A 140 8.54 -11.42 12.85
N LEU A 141 8.70 -12.40 11.96
CA LEU A 141 7.92 -13.63 12.07
C LEU A 141 8.20 -14.32 13.39
N MET A 142 9.46 -14.30 13.84
CA MET A 142 9.76 -14.91 15.13
C MET A 142 9.03 -14.18 16.26
N VAL A 143 9.03 -12.86 16.22
CA VAL A 143 8.34 -12.09 17.25
C VAL A 143 6.85 -12.38 17.23
N ALA A 144 6.27 -12.51 16.05
CA ALA A 144 4.87 -12.85 15.92
C ALA A 144 4.58 -14.22 16.54
N GLN A 145 5.47 -15.20 16.33
CA GLN A 145 5.22 -16.51 16.92
C GLN A 145 5.37 -16.48 18.44
N LEU A 146 6.35 -15.74 18.95
CA LEU A 146 6.57 -15.66 20.39
C LEU A 146 5.36 -15.06 21.08
N THR A 147 4.68 -14.14 20.40
CA THR A 147 3.50 -13.46 20.92
C THR A 147 2.18 -14.08 20.42
N GLN A 148 2.28 -15.19 19.65
CA GLN A 148 1.13 -15.99 19.25
CA GLN A 148 1.17 -16.02 19.14
C GLN A 148 0.09 -15.19 18.44
N ARG A 149 0.55 -14.44 17.46
CA ARG A 149 -0.39 -13.72 16.61
C ARG A 149 0.12 -13.62 15.18
N SER A 150 -0.67 -12.99 14.33
CA SER A 150 -0.40 -12.82 12.92
C SER A 150 0.45 -11.58 12.64
N VAL A 151 1.00 -11.55 11.44
CA VAL A 151 1.68 -10.36 10.93
C VAL A 151 1.52 -10.34 9.42
N HIS A 152 1.46 -9.13 8.87
CA HIS A 152 1.41 -8.90 7.44
C HIS A 152 2.69 -8.19 6.98
N ILE A 153 3.35 -8.75 5.98
CA ILE A 153 4.62 -8.21 5.49
C ILE A 153 4.35 -7.29 4.31
N CYS A 154 4.78 -6.04 4.43
CA CYS A 154 4.63 -5.06 3.36
C CYS A 154 5.61 -5.36 2.23
N HIS A 155 5.27 -4.86 1.04
CA HIS A 155 6.07 -4.86 -0.18
C HIS A 155 7.20 -5.88 -0.19
N VAL A 156 6.84 -7.13 -0.43
CA VAL A 156 7.83 -8.18 -0.60
C VAL A 156 8.48 -8.00 -1.95
N ALA A 157 9.82 -7.98 -1.97
CA ALA A 157 10.54 -7.48 -3.13
C ALA A 157 11.60 -8.43 -3.64
N ARG A 158 11.85 -9.54 -2.95
CA ARG A 158 12.98 -10.39 -3.25
C ARG A 158 12.57 -11.85 -3.25
N LYS A 159 13.30 -12.64 -4.05
CA LYS A 159 13.18 -14.09 -4.01
C LYS A 159 13.35 -14.61 -2.59
N GLU A 160 14.36 -14.11 -1.89
CA GLU A 160 14.67 -14.59 -0.53
C GLU A 160 13.44 -14.43 0.36
N GLU A 161 12.76 -13.29 0.22
CA GLU A 161 11.64 -12.98 1.12
C GLU A 161 10.41 -13.81 0.79
N ILE A 162 10.06 -13.91 -0.50
CA ILE A 162 8.86 -14.66 -0.88
C ILE A 162 9.04 -16.14 -0.55
N LEU A 163 10.25 -16.67 -0.70
CA LEU A 163 10.47 -18.07 -0.35
C LEU A 163 10.41 -18.30 1.16
N LEU A 164 10.90 -17.35 1.96
N LEU A 164 10.91 -17.35 1.96
CA LEU A 164 10.77 -17.48 3.41
CA LEU A 164 10.78 -17.47 3.40
C LEU A 164 9.31 -17.49 3.81
C LEU A 164 9.32 -17.49 3.81
N ILE A 165 8.53 -16.57 3.23
CA ILE A 165 7.11 -16.51 3.55
C ILE A 165 6.41 -17.78 3.11
N LYS A 166 6.77 -18.29 1.92
N LYS A 166 6.77 -18.28 1.92
CA LYS A 166 6.20 -19.54 1.43
CA LYS A 166 6.23 -19.54 1.43
C LYS A 166 6.47 -20.67 2.42
C LYS A 166 6.47 -20.67 2.42
N ALA A 167 7.69 -20.75 2.95
CA ALA A 167 8.01 -21.80 3.92
C ALA A 167 7.21 -21.63 5.19
N ALA A 168 7.01 -20.38 5.63
CA ALA A 168 6.21 -20.14 6.84
C ALA A 168 4.75 -20.54 6.62
N LYS A 169 4.20 -20.24 5.45
CA LYS A 169 2.83 -20.65 5.16
C LYS A 169 2.71 -22.17 5.08
N ALA A 170 3.74 -22.85 4.59
CA ALA A 170 3.70 -24.31 4.55
C ALA A 170 3.69 -24.90 5.95
N ARG A 171 4.22 -24.18 6.94
CA ARG A 171 4.17 -24.60 8.34
C ARG A 171 2.91 -24.12 9.05
N GLY A 172 1.94 -23.54 8.32
CA GLY A 172 0.70 -23.11 8.90
C GLY A 172 0.77 -21.83 9.72
N LEU A 173 1.81 -21.02 9.55
CA LEU A 173 1.93 -19.84 10.37
C LEU A 173 1.06 -18.71 9.82
N PRO A 174 0.53 -17.88 10.71
CA PRO A 174 -0.39 -16.81 10.28
C PRO A 174 0.38 -15.59 9.80
N VAL A 175 0.76 -15.63 8.53
CA VAL A 175 1.48 -14.54 7.88
C VAL A 175 0.83 -14.32 6.52
N THR A 176 0.63 -13.05 6.19
CA THR A 176 0.20 -12.65 4.86
C THR A 176 1.19 -11.62 4.33
N CYS A 177 1.09 -11.32 3.04
CA CYS A 177 2.01 -10.34 2.46
C CYS A 177 1.39 -9.65 1.26
N GLU A 178 2.06 -8.58 0.85
CA GLU A 178 1.68 -7.83 -0.34
C GLU A 178 2.94 -7.59 -1.17
N VAL A 179 2.71 -7.31 -2.45
CA VAL A 179 3.77 -6.97 -3.40
C VAL A 179 3.37 -5.71 -4.15
N ALA A 180 4.33 -4.83 -4.36
CA ALA A 180 4.11 -3.56 -5.06
C ALA A 180 4.49 -3.68 -6.53
N PRO A 181 3.87 -2.87 -7.38
CA PRO A 181 4.06 -3.07 -8.81
C PRO A 181 5.47 -2.86 -9.29
N HIS A 182 6.22 -1.95 -8.66
CA HIS A 182 7.59 -1.78 -9.12
C HIS A 182 8.43 -3.02 -8.93
N HIS A 183 8.09 -3.89 -7.97
CA HIS A 183 8.87 -5.13 -7.78
C HIS A 183 8.44 -6.23 -8.71
N LEU A 184 7.36 -6.02 -9.47
CA LEU A 184 6.94 -6.95 -10.51
C LEU A 184 7.27 -6.47 -11.92
N PHE A 185 7.46 -5.16 -12.12
CA PHE A 185 7.55 -4.59 -13.45
C PHE A 185 8.80 -3.76 -13.69
N LEU A 186 9.65 -3.58 -12.69
CA LEU A 186 10.96 -2.94 -12.82
C LEU A 186 11.99 -3.83 -12.14
N SER A 187 13.25 -3.63 -12.51
CA SER A 187 14.34 -4.41 -11.95
C SER A 187 15.63 -3.61 -12.08
N HIS A 188 16.74 -4.24 -11.70
CA HIS A 188 18.05 -3.64 -11.90
C HIS A 188 18.27 -3.17 -13.32
N ASP A 189 17.64 -3.84 -14.30
CA ASP A 189 17.80 -3.48 -15.70
C ASP A 189 17.31 -2.06 -15.99
N ASP A 190 16.48 -1.50 -15.11
CA ASP A 190 15.93 -0.16 -15.32
C ASP A 190 16.73 0.93 -14.63
N LEU A 191 17.76 0.58 -13.86
CA LEU A 191 18.46 1.59 -13.09
C LEU A 191 19.25 2.57 -13.97
N GLU A 192 19.78 2.10 -15.09
CA GLU A 192 20.50 3.01 -15.98
C GLU A 192 19.58 4.10 -16.51
N ARG A 193 18.37 3.73 -16.92
CA ARG A 193 17.42 4.72 -17.41
C ARG A 193 16.97 5.65 -16.29
N LEU A 194 16.60 5.08 -15.15
CA LEU A 194 16.07 5.89 -14.05
C LEU A 194 17.13 6.82 -13.49
N GLY A 195 18.38 6.36 -13.43
CA GLY A 195 19.42 7.05 -12.69
C GLY A 195 19.34 6.80 -11.20
N PRO A 196 20.38 7.22 -10.48
CA PRO A 196 20.49 6.84 -9.07
C PRO A 196 19.56 7.58 -8.13
N GLY A 197 19.06 8.74 -8.52
CA GLY A 197 18.13 9.47 -7.68
C GLY A 197 16.71 8.97 -7.83
N LYS A 198 16.21 9.02 -9.07
CA LYS A 198 14.89 8.47 -9.34
C LYS A 198 14.79 7.01 -8.91
N GLY A 199 15.88 6.26 -9.09
CA GLY A 199 15.85 4.84 -8.78
C GLY A 199 15.83 4.51 -7.30
N GLU A 200 16.01 5.49 -6.43
CA GLU A 200 16.01 5.22 -4.99
C GLU A 200 14.62 4.82 -4.51
N VAL A 201 14.52 3.61 -3.94
CA VAL A 201 13.26 3.11 -3.40
C VAL A 201 13.62 2.07 -2.32
N ARG A 202 12.74 1.93 -1.33
CA ARG A 202 12.91 0.91 -0.31
C ARG A 202 11.62 0.12 -0.21
N PRO A 203 11.67 -1.20 -0.34
CA PRO A 203 12.82 -2.00 -0.74
C PRO A 203 13.32 -1.63 -2.12
N GLU A 204 14.63 -1.77 -2.33
CA GLU A 204 15.22 -1.41 -3.61
CA GLU A 204 15.21 -1.40 -3.60
C GLU A 204 14.71 -2.32 -4.72
N LEU A 205 14.91 -1.86 -5.96
CA LEU A 205 14.62 -2.69 -7.12
C LEU A 205 15.46 -3.96 -7.06
N GLY A 206 14.85 -5.06 -7.47
CA GLY A 206 15.48 -6.35 -7.40
C GLY A 206 16.10 -6.75 -8.73
N SER A 207 16.78 -7.88 -8.69
CA SER A 207 17.33 -8.46 -9.91
C SER A 207 16.20 -9.07 -10.74
N ARG A 208 16.54 -9.42 -11.99
CA ARG A 208 15.60 -10.17 -12.82
C ARG A 208 15.15 -11.46 -12.12
N GLN A 209 16.06 -12.10 -11.38
N GLN A 209 16.07 -12.11 -11.39
CA GLN A 209 15.72 -13.33 -10.68
CA GLN A 209 15.69 -13.33 -10.69
C GLN A 209 14.75 -13.05 -9.53
C GLN A 209 14.72 -13.05 -9.55
N ASP A 210 14.87 -11.90 -8.87
CA ASP A 210 13.90 -11.52 -7.86
C ASP A 210 12.51 -11.34 -8.49
N VAL A 211 12.45 -10.59 -9.57
CA VAL A 211 11.16 -10.34 -10.22
C VAL A 211 10.53 -11.66 -10.65
N GLU A 212 11.33 -12.52 -11.29
N GLU A 212 11.33 -12.52 -11.29
CA GLU A 212 10.78 -13.79 -11.76
CA GLU A 212 10.81 -13.80 -11.77
C GLU A 212 10.30 -14.65 -10.60
C GLU A 212 10.30 -14.65 -10.60
N ALA A 213 10.98 -14.59 -9.47
CA ALA A 213 10.57 -15.37 -8.31
C ALA A 213 9.22 -14.89 -7.77
N LEU A 214 8.98 -13.59 -7.77
CA LEU A 214 7.69 -13.10 -7.30
C LEU A 214 6.57 -13.59 -8.22
N TRP A 215 6.76 -13.50 -9.53
CA TRP A 215 5.74 -14.00 -10.47
C TRP A 215 5.54 -15.50 -10.30
N GLU A 216 6.63 -16.26 -10.18
CA GLU A 216 6.49 -17.71 -10.07
CA GLU A 216 6.51 -17.70 -10.06
C GLU A 216 5.76 -18.09 -8.79
N ASN A 217 5.88 -17.27 -7.74
CA ASN A 217 5.28 -17.49 -6.44
C ASN A 217 4.05 -16.62 -6.22
N MET A 218 3.33 -16.31 -7.29
CA MET A 218 2.11 -15.54 -7.18
C MET A 218 1.16 -16.11 -6.15
N ALA A 219 1.08 -17.44 -6.05
CA ALA A 219 0.17 -18.05 -5.09
C ALA A 219 0.46 -17.65 -3.66
N VAL A 220 1.69 -17.23 -3.35
CA VAL A 220 2.08 -16.81 -2.01
C VAL A 220 1.74 -15.35 -1.74
N ILE A 221 1.47 -14.56 -2.78
CA ILE A 221 1.19 -13.14 -2.62
C ILE A 221 -0.29 -12.94 -2.31
N ASP A 222 -0.59 -12.40 -1.12
CA ASP A 222 -2.00 -12.20 -0.76
C ASP A 222 -2.59 -10.94 -1.38
N CYS A 223 -1.83 -9.85 -1.42
CA CYS A 223 -2.34 -8.57 -1.89
C CYS A 223 -1.33 -7.93 -2.83
N PHE A 224 -1.84 -7.06 -3.70
CA PHE A 224 -1.01 -6.04 -4.33
C PHE A 224 -1.27 -4.74 -3.58
N ALA A 225 -0.24 -3.92 -3.43
CA ALA A 225 -0.40 -2.63 -2.79
C ALA A 225 0.70 -1.73 -3.32
N SER A 226 0.39 -0.47 -3.59
CA SER A 226 1.31 0.33 -4.41
C SER A 226 2.57 0.76 -3.67
N ASP A 227 2.52 0.98 -2.36
CA ASP A 227 3.53 1.78 -1.65
C ASP A 227 3.72 3.12 -2.38
N HIS A 228 2.60 3.73 -2.75
CA HIS A 228 2.63 5.06 -3.35
C HIS A 228 3.39 5.98 -2.41
N ALA A 229 4.52 6.51 -2.87
CA ALA A 229 5.48 7.19 -2.00
C ALA A 229 5.98 8.40 -2.77
N PRO A 230 5.11 9.40 -2.92
CA PRO A 230 5.43 10.51 -3.82
C PRO A 230 6.43 11.48 -3.20
N HIS A 231 7.31 11.93 -4.07
CA HIS A 231 8.28 12.99 -3.82
C HIS A 231 8.39 13.74 -5.13
N THR A 232 8.76 15.02 -5.09
CA THR A 232 8.86 15.76 -6.33
C THR A 232 10.11 15.33 -7.09
N LEU A 233 10.12 15.64 -8.38
CA LEU A 233 11.29 15.34 -9.21
C LEU A 233 12.53 16.05 -8.66
N GLU A 234 12.39 17.32 -8.25
CA GLU A 234 13.51 18.04 -7.65
C GLU A 234 14.08 17.28 -6.47
N GLU A 235 13.23 16.72 -5.62
CA GLU A 235 13.70 15.97 -4.47
C GLU A 235 14.38 14.68 -4.92
N LYS A 236 13.76 13.96 -5.86
CA LYS A 236 14.33 12.69 -6.31
C LYS A 236 15.68 12.88 -6.97
N CYS A 237 15.94 14.05 -7.55
CA CYS A 237 17.13 14.25 -8.38
C CYS A 237 18.14 15.18 -7.71
N GLY A 238 17.89 15.57 -6.47
CA GLY A 238 18.75 16.47 -5.73
C GLY A 238 19.81 15.75 -4.93
N SER A 239 20.37 16.47 -3.94
CA SER A 239 21.58 16.01 -3.30
C SER A 239 21.36 14.84 -2.34
N ARG A 240 20.15 14.63 -1.83
CA ARG A 240 19.88 13.48 -0.96
C ARG A 240 18.54 12.88 -1.31
N PRO A 241 18.50 12.11 -2.40
CA PRO A 241 17.22 11.64 -2.92
C PRO A 241 16.48 10.78 -1.90
N PRO A 242 15.23 11.12 -1.58
CA PRO A 242 14.45 10.28 -0.68
C PRO A 242 13.95 9.06 -1.44
N PRO A 243 13.74 7.94 -0.75
CA PRO A 243 13.27 6.74 -1.45
C PRO A 243 11.77 6.79 -1.70
N GLY A 244 11.38 6.22 -2.83
CA GLY A 244 9.97 6.02 -3.09
C GLY A 244 9.53 6.39 -4.48
N PHE A 245 8.50 5.70 -4.96
CA PHE A 245 7.89 5.94 -6.23
C PHE A 245 6.41 6.27 -6.06
N PRO A 246 5.86 7.21 -6.83
CA PRO A 246 4.39 7.29 -6.95
C PRO A 246 3.90 6.08 -7.72
N GLY A 247 2.67 5.64 -7.43
CA GLY A 247 2.21 4.39 -8.03
C GLY A 247 0.70 4.18 -8.15
N LEU A 248 -0.11 5.04 -7.53
CA LEU A 248 -1.55 4.83 -7.59
C LEU A 248 -2.07 4.83 -9.02
N GLU A 249 -1.61 5.76 -9.86
CA GLU A 249 -2.17 5.89 -11.19
C GLU A 249 -1.68 4.84 -12.16
N THR A 250 -0.58 4.15 -11.86
CA THR A 250 -0.01 3.17 -12.76
C THR A 250 -0.26 1.72 -12.34
N MET A 251 -0.64 1.46 -11.08
CA MET A 251 -0.74 0.08 -10.59
C MET A 251 -1.69 -0.75 -11.42
N LEU A 252 -2.94 -0.31 -11.52
CA LEU A 252 -3.94 -1.13 -12.19
C LEU A 252 -3.63 -1.28 -13.68
N PRO A 253 -3.26 -0.21 -14.41
CA PRO A 253 -2.90 -0.44 -15.82
C PRO A 253 -1.77 -1.45 -16.03
N LEU A 254 -0.74 -1.42 -15.18
CA LEU A 254 0.33 -2.39 -15.29
C LEU A 254 -0.20 -3.81 -15.09
N LEU A 255 -1.04 -4.00 -14.07
CA LEU A 255 -1.55 -5.33 -13.76
C LEU A 255 -2.56 -5.80 -14.80
N LEU A 256 -3.37 -4.89 -15.36
CA LEU A 256 -4.28 -5.28 -16.44
C LEU A 256 -3.50 -5.72 -17.67
N THR A 257 -2.35 -5.09 -17.93
CA THR A 257 -1.51 -5.52 -19.04
C THR A 257 -1.08 -6.96 -18.83
N ALA A 258 -0.65 -7.28 -17.62
CA ALA A 258 -0.25 -8.64 -17.28
C ALA A 258 -1.41 -9.62 -17.42
N VAL A 259 -2.61 -9.22 -17.02
CA VAL A 259 -3.77 -10.09 -17.20
C VAL A 259 -3.98 -10.36 -18.69
N SER A 260 -3.90 -9.30 -19.51
CA SER A 260 -4.13 -9.44 -20.95
CA SER A 260 -4.12 -9.43 -20.95
C SER A 260 -3.10 -10.36 -21.59
N GLU A 261 -1.90 -10.44 -21.02
CA GLU A 261 -0.84 -11.31 -21.50
C GLU A 261 -0.90 -12.71 -20.90
N GLY A 262 -1.88 -12.99 -20.05
CA GLY A 262 -1.99 -14.29 -19.44
C GLY A 262 -1.02 -14.58 -18.31
N ARG A 263 -0.40 -13.54 -17.73
CA ARG A 263 0.55 -13.75 -16.64
C ARG A 263 -0.12 -14.02 -15.31
N LEU A 264 -1.34 -13.53 -15.15
CA LEU A 264 -2.22 -13.88 -14.04
C LEU A 264 -3.63 -13.67 -14.57
N SER A 265 -4.61 -14.20 -13.84
CA SER A 265 -6.00 -14.09 -14.28
C SER A 265 -6.67 -12.84 -13.69
N LEU A 266 -7.85 -12.51 -14.23
CA LEU A 266 -8.63 -11.43 -13.65
C LEU A 266 -8.98 -11.76 -12.20
N ASP A 267 -9.35 -13.02 -11.92
CA ASP A 267 -9.63 -13.40 -10.56
C ASP A 267 -8.40 -13.21 -9.67
N ASP A 268 -7.22 -13.61 -10.16
CA ASP A 268 -6.02 -13.44 -9.37
C ASP A 268 -5.85 -11.98 -8.96
N LEU A 269 -6.11 -11.08 -9.90
CA LEU A 269 -6.00 -9.65 -9.64
CA LEU A 269 -6.00 -9.65 -9.63
C LEU A 269 -7.02 -9.20 -8.60
N LEU A 270 -8.28 -9.65 -8.75
CA LEU A 270 -9.33 -9.24 -7.83
C LEU A 270 -9.20 -9.82 -6.43
N GLN A 271 -8.63 -11.01 -6.30
CA GLN A 271 -8.29 -11.46 -4.95
C GLN A 271 -7.31 -10.50 -4.30
N ARG A 272 -6.32 -10.04 -5.07
CA ARG A 272 -5.19 -9.32 -4.51
C ARG A 272 -5.45 -7.82 -4.36
N LEU A 273 -6.45 -7.28 -5.07
CA LEU A 273 -6.78 -5.85 -4.95
C LEU A 273 -8.16 -5.62 -4.37
N HIS A 274 -8.85 -6.65 -3.89
CA HIS A 274 -10.19 -6.45 -3.36
C HIS A 274 -10.48 -7.44 -2.22
N HIS A 275 -10.57 -8.73 -2.53
CA HIS A 275 -11.05 -9.66 -1.50
C HIS A 275 -10.05 -9.86 -0.37
N ASN A 276 -8.78 -10.03 -0.68
CA ASN A 276 -7.82 -10.28 0.39
C ASN A 276 -7.54 -9.03 1.22
N PRO A 277 -7.42 -7.82 0.61
CA PRO A 277 -7.37 -6.62 1.44
C PRO A 277 -8.53 -6.53 2.41
N ARG A 278 -9.76 -6.80 1.93
CA ARG A 278 -10.91 -6.76 2.81
C ARG A 278 -10.70 -7.68 4.00
N ARG A 279 -10.27 -8.93 3.75
CA ARG A 279 -10.32 -9.93 4.81
C ARG A 279 -9.15 -9.84 5.77
N ILE A 280 -8.00 -9.36 5.31
CA ILE A 280 -6.84 -9.25 6.18
C ILE A 280 -6.99 -8.06 7.12
N PHE A 281 -7.56 -6.97 6.61
CA PHE A 281 -7.69 -5.74 7.36
C PHE A 281 -9.09 -5.53 7.89
N HIS A 282 -10.00 -6.46 7.64
CA HIS A 282 -11.41 -6.32 8.02
C HIS A 282 -11.93 -4.95 7.57
N LEU A 283 -11.73 -4.68 6.28
CA LEU A 283 -12.26 -3.45 5.71
C LEU A 283 -13.64 -3.72 5.14
N PRO A 284 -14.57 -2.78 5.30
CA PRO A 284 -15.95 -3.04 4.96
C PRO A 284 -16.20 -2.90 3.47
N PRO A 285 -17.28 -3.47 2.97
CA PRO A 285 -17.72 -3.19 1.61
C PRO A 285 -18.05 -1.73 1.43
N GLN A 286 -18.00 -1.29 0.19
CA GLN A 286 -18.47 0.02 -0.20
C GLN A 286 -19.70 -0.19 -1.07
N GLU A 287 -20.86 0.26 -0.59
CA GLU A 287 -22.10 0.09 -1.33
C GLU A 287 -22.03 0.86 -2.65
N ASP A 288 -22.67 0.30 -3.67
CA ASP A 288 -22.84 0.97 -4.96
CA ASP A 288 -22.85 0.98 -4.95
C ASP A 288 -21.54 1.57 -5.46
N THR A 289 -20.51 0.74 -5.52
CA THR A 289 -19.15 1.15 -5.86
C THR A 289 -18.56 0.16 -6.85
N TYR A 290 -18.04 0.69 -7.95
CA TYR A 290 -17.46 -0.17 -8.97
C TYR A 290 -16.59 0.65 -9.91
N VAL A 291 -15.79 -0.08 -10.69
CA VAL A 291 -14.80 0.49 -11.59
C VAL A 291 -14.99 -0.14 -12.96
N GLU A 292 -15.11 0.69 -13.99
CA GLU A 292 -15.25 0.20 -15.36
C GLU A 292 -13.93 0.40 -16.08
N VAL A 293 -13.38 -0.68 -16.63
CA VAL A 293 -12.10 -0.64 -17.34
C VAL A 293 -12.28 -1.09 -18.78
N ASP A 294 -11.46 -0.53 -19.67
CA ASP A 294 -11.39 -0.87 -21.08
C ASP A 294 -10.10 -1.66 -21.22
N LEU A 295 -10.21 -2.94 -21.50
CA LEU A 295 -9.05 -3.82 -21.53
C LEU A 295 -8.34 -3.80 -22.86
N GLU A 296 -8.86 -3.09 -23.86
CA GLU A 296 -8.28 -3.14 -25.19
C GLU A 296 -7.40 -1.93 -25.49
N HIS A 297 -7.48 -0.88 -24.68
CA HIS A 297 -6.82 0.37 -25.01
C HIS A 297 -5.32 0.29 -24.73
N GLU A 298 -4.52 0.42 -25.79
CA GLU A 298 -3.07 0.41 -25.66
C GLU A 298 -2.56 1.85 -25.55
N TRP A 299 -1.66 2.08 -24.59
CA TRP A 299 -1.08 3.39 -24.39
C TRP A 299 0.30 3.22 -23.77
N THR A 300 1.07 4.30 -23.80
CA THR A 300 2.42 4.34 -23.25
C THR A 300 2.43 5.28 -22.06
N ILE A 301 3.01 4.82 -20.95
CA ILE A 301 3.00 5.67 -19.76
CA ILE A 301 3.04 5.65 -19.74
C ILE A 301 3.84 6.91 -20.01
N PRO A 302 3.32 8.11 -19.73
CA PRO A 302 4.04 9.36 -20.02
C PRO A 302 5.00 9.70 -18.88
N SER A 303 5.64 10.88 -19.01
CA SER A 303 6.65 11.26 -18.02
C SER A 303 6.04 11.62 -16.66
N HIS A 304 4.75 11.97 -16.60
CA HIS A 304 4.06 12.10 -15.32
C HIS A 304 2.59 11.76 -15.54
N MET A 305 1.97 11.14 -14.53
CA MET A 305 0.53 10.91 -14.59
C MET A 305 -0.20 12.19 -14.17
N PRO A 306 -1.50 12.31 -14.50
CA PRO A 306 -2.17 13.61 -14.32
C PRO A 306 -2.31 14.10 -12.89
N PHE A 307 -2.46 13.24 -11.88
CA PHE A 307 -2.91 13.71 -10.58
C PHE A 307 -1.87 13.78 -9.48
N SER A 308 -0.99 12.80 -9.34
CA SER A 308 -0.07 12.85 -8.21
C SER A 308 0.81 14.09 -8.30
N LYS A 309 0.98 14.77 -7.16
CA LYS A 309 1.88 15.90 -7.12
C LYS A 309 3.33 15.50 -7.30
N ALA A 310 3.66 14.22 -7.23
CA ALA A 310 5.03 13.81 -7.52
C ALA A 310 5.47 14.32 -8.88
N HIS A 311 4.55 14.32 -9.85
CA HIS A 311 4.79 14.87 -11.18
C HIS A 311 5.94 14.15 -11.90
N TRP A 312 6.12 12.86 -11.66
CA TRP A 312 7.09 12.02 -12.36
C TRP A 312 6.63 10.58 -12.18
N THR A 313 7.20 9.65 -12.97
CA THR A 313 6.91 8.24 -12.73
C THR A 313 8.05 7.36 -13.23
N PRO A 314 8.42 6.32 -12.48
CA PRO A 314 9.50 5.43 -12.96
C PRO A 314 9.06 4.52 -14.06
N PHE A 315 7.77 4.44 -14.34
CA PHE A 315 7.28 3.56 -15.38
C PHE A 315 7.19 4.26 -16.74
N GLU A 316 7.65 5.51 -16.83
CA GLU A 316 7.62 6.21 -18.10
C GLU A 316 8.17 5.34 -19.22
N GLY A 317 7.45 5.30 -20.33
CA GLY A 317 7.88 4.59 -21.50
C GLY A 317 7.38 3.16 -21.60
N GLN A 318 6.86 2.60 -20.52
CA GLN A 318 6.29 1.26 -20.61
C GLN A 318 4.96 1.28 -21.37
N LYS A 319 4.78 0.27 -22.21
CA LYS A 319 3.55 0.09 -22.97
CA LYS A 319 3.55 0.10 -22.97
C LYS A 319 2.59 -0.76 -22.16
N VAL A 320 1.37 -0.27 -22.00
CA VAL A 320 0.36 -0.92 -21.19
C VAL A 320 -0.89 -1.10 -22.04
N LYS A 321 -1.74 -2.00 -21.58
CA LYS A 321 -2.99 -2.28 -22.26
C LYS A 321 -4.03 -2.43 -21.16
N GLY A 322 -5.03 -1.56 -21.17
CA GLY A 322 -6.00 -1.47 -20.07
C GLY A 322 -6.00 -0.07 -19.48
N THR A 323 -7.20 0.46 -19.29
CA THR A 323 -7.33 1.77 -18.70
CA THR A 323 -7.41 1.83 -18.86
C THR A 323 -8.64 1.89 -17.95
N VAL A 324 -8.60 2.73 -16.93
CA VAL A 324 -9.79 3.03 -16.13
C VAL A 324 -10.62 4.05 -16.87
N ARG A 325 -11.87 3.71 -17.16
CA ARG A 325 -12.80 4.61 -17.83
C ARG A 325 -13.73 5.34 -16.86
N ARG A 326 -14.27 4.66 -15.87
CA ARG A 326 -15.25 5.27 -14.98
C ARG A 326 -15.16 4.62 -13.62
N VAL A 327 -15.34 5.42 -12.58
CA VAL A 327 -15.41 4.94 -11.21
C VAL A 327 -16.67 5.53 -10.60
N VAL A 328 -17.48 4.67 -9.96
CA VAL A 328 -18.63 5.08 -9.18
C VAL A 328 -18.32 4.75 -7.73
N LEU A 329 -18.45 5.73 -6.84
CA LEU A 329 -18.17 5.53 -5.43
C LEU A 329 -19.43 5.89 -4.63
N ARG A 330 -20.00 4.90 -3.96
CA ARG A 330 -21.19 5.09 -3.13
C ARG A 330 -22.27 5.87 -3.88
N GLY A 331 -22.50 5.45 -5.13
CA GLY A 331 -23.59 5.93 -5.93
C GLY A 331 -23.35 7.21 -6.71
N GLU A 332 -22.16 7.79 -6.59
CA GLU A 332 -21.83 9.02 -7.32
C GLU A 332 -20.70 8.73 -8.31
N VAL A 333 -20.80 9.33 -9.50
CA VAL A 333 -19.69 9.25 -10.45
C VAL A 333 -18.49 9.98 -9.87
N ALA A 334 -17.40 9.26 -9.67
CA ALA A 334 -16.21 9.81 -9.05
C ALA A 334 -15.13 10.14 -10.04
N TYR A 335 -15.12 9.47 -11.19
CA TYR A 335 -14.05 9.64 -12.18
C TYR A 335 -14.58 9.19 -13.53
N ILE A 336 -14.37 10.00 -14.57
N ILE A 336 -14.32 9.98 -14.57
CA ILE A 336 -14.60 9.58 -15.95
CA ILE A 336 -14.59 9.52 -15.93
C ILE A 336 -13.45 10.08 -16.80
C ILE A 336 -13.54 10.07 -16.89
N ASP A 337 -12.80 9.17 -17.51
CA ASP A 337 -11.85 9.50 -18.58
C ASP A 337 -10.99 10.73 -18.27
N GLY A 338 -10.38 10.71 -17.10
CA GLY A 338 -9.40 11.71 -16.74
C GLY A 338 -9.93 12.83 -15.88
N GLN A 339 -11.23 12.88 -15.64
CA GLN A 339 -11.84 13.93 -14.84
C GLN A 339 -12.30 13.34 -13.52
N VAL A 340 -11.83 13.88 -12.42
CA VAL A 340 -12.36 13.54 -11.11
C VAL A 340 -13.58 14.41 -10.86
N LEU A 341 -14.66 13.78 -10.38
CA LEU A 341 -15.96 14.45 -10.27
C LEU A 341 -16.52 14.43 -8.86
N VAL A 342 -15.76 13.97 -7.87
CA VAL A 342 -16.14 14.13 -6.47
C VAL A 342 -15.14 15.07 -5.81
N PRO A 343 -15.59 15.94 -4.92
CA PRO A 343 -14.71 16.98 -4.36
C PRO A 343 -13.90 16.46 -3.19
N PRO A 344 -12.87 17.19 -2.79
CA PRO A 344 -12.19 16.89 -1.53
C PRO A 344 -13.22 16.90 -0.42
N GLY A 345 -13.18 15.87 0.41
CA GLY A 345 -14.12 15.69 1.49
C GLY A 345 -15.23 14.71 1.21
N TYR A 346 -15.37 14.23 -0.03
CA TYR A 346 -16.36 13.19 -0.31
C TYR A 346 -16.02 11.89 0.40
N GLY A 347 -14.74 11.61 0.56
CA GLY A 347 -14.33 10.36 1.16
C GLY A 347 -14.54 10.33 2.66
N GLN A 348 -14.67 9.10 3.18
CA GLN A 348 -14.98 8.88 4.58
C GLN A 348 -14.03 7.85 5.20
N ASP A 349 -13.91 7.94 6.53
CA ASP A 349 -13.12 7.01 7.33
C ASP A 349 -13.93 5.73 7.52
N VAL A 350 -13.52 4.66 6.85
CA VAL A 350 -14.29 3.43 6.90
C VAL A 350 -14.34 2.82 8.30
N ARG A 351 -13.37 3.12 9.16
CA ARG A 351 -13.37 2.59 10.51
C ARG A 351 -14.48 3.18 11.38
N LYS A 352 -15.11 4.27 10.94
CA LYS A 352 -16.25 4.83 11.64
C LYS A 352 -17.57 4.24 11.20
N TRP A 353 -17.59 3.50 10.10
CA TRP A 353 -18.82 2.86 9.68
C TRP A 353 -19.12 1.67 10.61
N PRO A 354 -20.39 1.42 10.92
CA PRO A 354 -20.68 0.28 11.80
C PRO A 354 -20.09 -1.03 11.30
N GLN A 355 -20.09 -1.25 10.00
CA GLN A 355 -19.56 -2.45 9.37
C GLN A 355 -18.04 -2.43 9.28
N GLY A 356 -17.40 -1.31 9.58
CA GLY A 356 -15.96 -1.18 9.48
C GLY A 356 -15.18 -1.37 10.74
N ALA A 357 -15.83 -1.65 11.86
CA ALA A 357 -15.13 -2.04 13.07
C ALA A 357 -14.62 -3.47 12.96
N VAL A 358 -13.44 -3.72 13.52
CA VAL A 358 -12.87 -5.06 13.49
C VAL A 358 -13.56 -5.88 14.58
N PRO A 359 -14.18 -7.01 14.27
CA PRO A 359 -14.86 -7.77 15.32
C PRO A 359 -13.89 -8.24 16.41
N GLN A 360 -14.37 -8.27 17.65
CA GLN A 360 -13.55 -8.75 18.76
C GLN A 360 -14.43 -9.40 19.82
N LEU A 361 -13.80 -10.26 20.61
CA LEU A 361 -14.46 -10.82 21.78
C LEU A 361 -14.65 -9.75 22.85
N PRO A 362 -15.75 -9.81 23.62
CA PRO A 362 -15.96 -8.80 24.66
C PRO A 362 -14.81 -8.73 25.67
C FMT B . 4.61 -2.81 -19.01
O1 FMT B . 5.15 -3.16 -17.95
O2 FMT B . 5.06 -3.08 -20.13
H FMT B . 3.68 -2.23 -18.98
HO2 FMT B . 5.89 -3.59 -20.21
C FMT C . -19.40 -4.70 -7.83
O1 FMT C . -19.15 -4.99 -9.00
O2 FMT C . -20.17 -3.78 -7.50
H FMT C . -18.95 -5.29 -7.03
HO2 FMT C . -20.21 -2.96 -8.03
C FMT D . -3.44 0.60 26.06
O1 FMT D . -2.59 -0.27 25.86
O2 FMT D . -3.23 1.80 25.94
H FMT D . -4.44 0.29 26.36
HO2 FMT D . -2.35 2.13 25.66
C FMT E . -1.68 -8.96 10.42
O1 FMT E . -2.10 -8.47 11.45
O2 FMT E . -1.77 -10.18 10.24
H FMT E . -1.22 -8.35 9.65
HO2 FMT E . -2.33 -10.72 10.83
C FMT F . -4.45 6.77 -21.22
O1 FMT F . -5.34 6.18 -20.60
O2 FMT F . -4.57 7.16 -22.38
H FMT F . -3.47 6.91 -20.77
HO2 FMT F . -5.43 7.03 -22.85
C FMT G . -18.25 -10.81 -6.11
O1 FMT G . -17.22 -10.97 -5.46
O2 FMT G . -18.26 -10.58 -7.32
H FMT G . -19.22 -10.81 -5.61
HO2 FMT G . -17.41 -10.53 -7.81
C FMT H . 7.37 -22.95 13.01
O1 FMT H . 7.62 -23.27 11.85
O2 FMT H . 6.51 -23.54 13.66
H FMT H . 8.05 -22.30 13.55
HO2 FMT H . 5.98 -24.24 13.23
C FMT I . -14.07 -10.35 1.14
O1 FMT I . -14.65 -10.12 0.07
O2 FMT I . -14.60 -10.10 2.25
H FMT I . -13.08 -10.77 1.14
HO2 FMT I . -15.49 -10.42 2.45
C FMT J . -1.20 21.15 10.75
O1 FMT J . -1.92 20.78 9.82
O2 FMT J . -0.36 20.41 11.29
H FMT J . -1.25 22.18 11.10
HO2 FMT J . -0.23 19.49 10.96
ZN ZN K . 7.74 0.37 3.53
ZN ZN L . 5.47 2.58 2.57
ZN ZN M . 2.22 -2.37 3.42
ZN ZN N . -15.39 -11.13 -6.22
C1 GOL O . 9.09 7.64 1.51
O1 GOL O . 8.93 8.85 2.21
C2 GOL O . 8.30 6.60 2.30
O2 GOL O . 7.18 7.20 2.64
C3 GOL O . 8.20 5.36 1.44
O3 GOL O . 9.56 5.05 0.94
H11 GOL O . 10.02 7.37 1.44
H12 GOL O . 8.76 7.69 0.60
HO1 GOL O . 9.68 9.30 2.13
H2 GOL O . 8.72 6.27 3.11
H31 GOL O . 7.56 5.53 0.74
H32 GOL O . 7.81 4.66 1.98
HO3 GOL O . 9.67 4.23 1.06
NA NA P . -15.45 13.34 4.31
#